data_3GAY
#
_entry.id   3GAY
#
_cell.length_a   56.310
_cell.length_b   67.590
_cell.length_c   171.730
_cell.angle_alpha   90.00
_cell.angle_beta   90.00
_cell.angle_gamma   90.00
#
_symmetry.space_group_name_H-M   'P 21 21 21'
#
loop_
_entity.id
_entity.type
_entity.pdbx_description
1 polymer 'Fructose-bisphosphate aldolase'
2 non-polymer 'ZINC ION'
3 non-polymer 1,6-di-O-phosphono-D-tagatose
4 water water
#
_entity_poly.entity_id   1
_entity_poly.type   'polypeptide(L)'
_entity_poly.pdbx_seq_one_letter_code
;MPLCTLRQMLGEARKHKYGVGAFNVNNMEQIQGIMKAVVQLKSPVILQCSRGALKYSDMIYLKKLCEAALEKHPDIPICI
HLDHGDTLESVKMAIDLGFSSVMIDASHHPFDENVRITKEVVAYAHARGVSVEAELGTLGGIEEDVQNTVQLTEPQDAKK
FVELTGVDALAVAIGTSHGAYKFKSESDIRLAIDRVKTISDLTGIPLVMHGSSSVPKDVKDMINKYGGKMPDAVGVPIES
IVHAIGEGVCKINVDSDSRMAMTGAIRKVFVEHPEKFDPRDYLGPGRDAITEMLIPKIKAFGSAGHAGDYKVVSLEEAKA
WYK
;
_entity_poly.pdbx_strand_id   A,B
#
# COMPACT_ATOMS: atom_id res chain seq x y z
N PRO A 2 9.89 -18.77 1.10
CA PRO A 2 9.53 -18.85 -0.32
C PRO A 2 8.06 -19.16 -0.41
N LEU A 3 7.49 -19.11 -1.62
CA LEU A 3 6.05 -19.40 -1.80
C LEU A 3 5.78 -20.85 -1.42
N CYS A 4 4.86 -21.03 -0.49
CA CYS A 4 4.55 -22.37 0.03
C CYS A 4 3.10 -22.79 -0.14
N THR A 5 2.84 -24.08 -0.33
CA THR A 5 1.48 -24.54 -0.50
C THR A 5 0.84 -24.61 0.89
N LEU A 6 -0.49 -24.60 0.91
CA LEU A 6 -1.21 -24.73 2.17
C LEU A 6 -1.07 -26.16 2.64
N ARG A 7 -1.11 -27.10 1.69
CA ARG A 7 -1.03 -28.51 2.03
C ARG A 7 0.26 -28.82 2.83
N GLN A 8 1.38 -28.26 2.42
CA GLN A 8 2.61 -28.55 3.19
C GLN A 8 2.63 -27.77 4.49
N MET A 9 2.31 -26.48 4.42
CA MET A 9 2.36 -25.66 5.63
C MET A 9 1.45 -26.21 6.72
N LEU A 10 0.20 -26.57 6.37
CA LEU A 10 -0.70 -27.11 7.40
C LEU A 10 -0.38 -28.54 7.83
N GLY A 11 0.21 -29.32 6.91
CA GLY A 11 0.60 -30.70 7.21
C GLY A 11 1.65 -30.71 8.30
N GLU A 12 2.60 -29.78 8.21
CA GLU A 12 3.67 -29.60 9.21
C GLU A 12 3.11 -29.11 10.55
N ALA A 13 2.11 -28.23 10.48
CA ALA A 13 1.45 -27.74 11.71
C ALA A 13 0.65 -28.91 12.34
N ARG A 14 -0.05 -29.67 11.51
CA ARG A 14 -0.84 -30.79 12.07
C ARG A 14 0.11 -31.79 12.79
N LYS A 15 1.15 -32.20 12.08
CA LYS A 15 2.18 -33.12 12.60
C LYS A 15 2.77 -32.74 13.96
N HIS A 16 3.01 -31.45 14.20
CA HIS A 16 3.64 -30.97 15.44
C HIS A 16 2.71 -30.24 16.34
N LYS A 17 1.42 -30.38 16.05
CA LYS A 17 0.36 -29.75 16.84
C LYS A 17 0.44 -28.25 17.14
N TYR A 18 0.68 -27.42 16.12
CA TYR A 18 0.65 -25.99 16.31
C TYR A 18 -0.33 -25.48 15.26
N GLY A 19 -0.63 -24.19 15.31
CA GLY A 19 -1.55 -23.60 14.35
C GLY A 19 -0.87 -22.45 13.61
N VAL A 20 -1.29 -22.16 12.37
CA VAL A 20 -0.69 -21.06 11.61
C VAL A 20 -1.76 -20.01 11.35
N GLY A 21 -1.51 -18.78 11.78
CA GLY A 21 -2.44 -17.67 11.56
C GLY A 21 -2.45 -17.29 10.07
N ALA A 22 -3.65 -17.02 9.53
CA ALA A 22 -3.85 -16.65 8.14
C ALA A 22 -4.46 -15.26 8.26
N PHE A 23 -3.68 -14.28 7.83
CA PHE A 23 -4.05 -12.89 7.99
C PHE A 23 -4.45 -12.24 6.68
N ASN A 24 -5.63 -11.65 6.70
CA ASN A 24 -6.15 -10.99 5.52
C ASN A 24 -5.39 -9.71 5.31
N VAL A 25 -5.08 -9.43 4.05
CA VAL A 25 -4.35 -8.21 3.71
C VAL A 25 -5.10 -7.38 2.66
N ASN A 26 -4.94 -6.05 2.71
CA ASN A 26 -5.61 -5.18 1.74
C ASN A 26 -4.68 -4.11 1.19
N ASN A 27 -3.57 -3.82 1.90
CA ASN A 27 -2.62 -2.79 1.46
C ASN A 27 -1.20 -2.97 2.00
N MET A 28 -0.33 -2.00 1.74
CA MET A 28 1.08 -2.12 2.10
C MET A 28 1.36 -2.20 3.59
N GLU A 29 0.84 -1.24 4.36
CA GLU A 29 1.09 -1.24 5.82
C GLU A 29 0.56 -2.53 6.53
N GLN A 30 -0.54 -3.11 6.05
CA GLN A 30 -1.04 -4.32 6.69
C GLN A 30 -0.08 -5.49 6.42
N ILE A 31 0.43 -5.58 5.18
CA ILE A 31 1.34 -6.67 4.89
C ILE A 31 2.63 -6.46 5.68
N GLN A 32 3.09 -5.21 5.76
CA GLN A 32 4.34 -4.94 6.49
C GLN A 32 4.16 -5.28 7.97
N GLY A 33 3.04 -4.87 8.54
CA GLY A 33 2.78 -5.15 9.96
C GLY A 33 2.77 -6.64 10.25
N ILE A 34 2.18 -7.44 9.35
CA ILE A 34 2.08 -8.89 9.57
C ILE A 34 3.49 -9.53 9.39
N MET A 35 4.21 -9.09 8.37
CA MET A 35 5.49 -9.69 8.11
C MET A 35 6.48 -9.40 9.22
N LYS A 36 6.46 -8.19 9.77
CA LYS A 36 7.43 -7.85 10.82
C LYS A 36 7.24 -8.83 12.00
N ALA A 37 5.98 -9.13 12.33
CA ALA A 37 5.66 -10.09 13.39
C ALA A 37 6.10 -11.52 13.05
N VAL A 38 5.76 -12.03 11.87
CA VAL A 38 6.19 -13.40 11.59
C VAL A 38 7.69 -13.56 11.40
N VAL A 39 8.35 -12.53 10.88
CA VAL A 39 9.80 -12.58 10.69
C VAL A 39 10.51 -12.57 12.08
N GLN A 40 10.02 -11.73 12.98
CA GLN A 40 10.60 -11.66 14.31
C GLN A 40 10.48 -13.00 15.04
N LEU A 41 9.35 -13.68 14.83
CA LEU A 41 9.10 -14.97 15.48
C LEU A 41 9.55 -16.18 14.67
N LYS A 42 10.20 -15.97 13.53
CA LYS A 42 10.62 -17.08 12.71
C LYS A 42 9.46 -18.06 12.50
N SER A 43 8.31 -17.49 12.13
CA SER A 43 7.09 -18.22 11.89
C SER A 43 6.61 -18.28 10.42
N PRO A 44 6.01 -19.42 10.00
CA PRO A 44 5.50 -19.52 8.63
C PRO A 44 4.23 -18.61 8.66
N VAL A 45 3.65 -18.30 7.49
CA VAL A 45 2.50 -17.39 7.47
C VAL A 45 1.68 -17.60 6.20
N ILE A 46 0.39 -17.30 6.31
CA ILE A 46 -0.56 -17.39 5.19
C ILE A 46 -1.08 -15.99 5.07
N LEU A 47 -0.85 -15.39 3.93
CA LEU A 47 -1.36 -14.09 3.60
C LEU A 47 -2.59 -14.35 2.76
N GLN A 48 -3.75 -13.91 3.20
CA GLN A 48 -4.94 -14.18 2.40
C GLN A 48 -5.63 -12.94 1.89
N CYS A 49 -6.16 -13.07 0.68
CA CYS A 49 -6.82 -11.96 0.00
C CYS A 49 -8.20 -12.42 -0.44
N SER A 50 -9.20 -11.66 0.00
CA SER A 50 -10.61 -11.89 -0.33
C SER A 50 -10.91 -11.28 -1.70
N ARG A 51 -12.07 -11.60 -2.24
CA ARG A 51 -12.41 -11.01 -3.53
C ARG A 51 -12.49 -9.49 -3.28
N GLY A 52 -13.00 -9.08 -2.11
CA GLY A 52 -13.08 -7.65 -1.82
C GLY A 52 -11.71 -6.97 -1.75
N ALA A 53 -10.68 -7.67 -1.25
CA ALA A 53 -9.33 -7.10 -1.19
C ALA A 53 -8.77 -6.94 -2.62
N LEU A 54 -8.98 -7.94 -3.46
CA LEU A 54 -8.48 -7.89 -4.82
C LEU A 54 -9.15 -6.74 -5.54
N LYS A 55 -10.44 -6.55 -5.27
CA LYS A 55 -11.13 -5.40 -5.90
C LYS A 55 -10.55 -4.06 -5.42
N TYR A 56 -10.43 -3.92 -4.09
CA TYR A 56 -9.89 -2.70 -3.51
C TYR A 56 -8.50 -2.33 -4.07
N SER A 57 -7.67 -3.37 -4.29
CA SER A 57 -6.30 -3.19 -4.79
C SER A 57 -6.13 -3.39 -6.30
N ASP A 58 -7.24 -3.33 -7.06
CA ASP A 58 -7.23 -3.51 -8.53
C ASP A 58 -6.44 -4.75 -8.94
N MET A 59 -6.42 -5.72 -8.04
CA MET A 59 -5.71 -6.98 -8.21
C MET A 59 -4.18 -6.87 -8.32
N ILE A 60 -3.69 -6.11 -9.31
CA ILE A 60 -2.26 -6.00 -9.55
C ILE A 60 -1.41 -5.44 -8.39
N TYR A 61 -1.96 -4.45 -7.67
CA TYR A 61 -1.22 -3.84 -6.56
C TYR A 61 -1.01 -4.81 -5.42
N LEU A 62 -2.01 -5.68 -5.18
CA LEU A 62 -1.93 -6.67 -4.13
C LEU A 62 -0.96 -7.79 -4.54
N LYS A 63 -1.00 -8.15 -5.82
CA LYS A 63 -0.12 -9.18 -6.36
C LYS A 63 1.33 -8.71 -6.18
N LYS A 64 1.58 -7.44 -6.52
CA LYS A 64 2.91 -6.88 -6.44
C LYS A 64 3.38 -6.77 -4.99
N LEU A 65 2.49 -6.34 -4.11
CA LEU A 65 2.81 -6.30 -2.68
C LEU A 65 3.20 -7.69 -2.11
N CYS A 66 2.48 -8.75 -2.49
CA CYS A 66 2.79 -10.06 -2.01
C CYS A 66 4.15 -10.48 -2.57
N GLU A 67 4.43 -10.10 -3.81
CA GLU A 67 5.73 -10.40 -4.39
C GLU A 67 6.83 -9.74 -3.56
N ALA A 68 6.55 -8.52 -3.12
CA ALA A 68 7.56 -7.82 -2.34
C ALA A 68 7.90 -8.58 -1.04
N ALA A 69 6.84 -9.07 -0.38
CA ALA A 69 6.98 -9.81 0.88
C ALA A 69 7.79 -11.07 0.62
N LEU A 70 7.45 -11.77 -0.46
CA LEU A 70 8.13 -13.01 -0.80
C LEU A 70 9.61 -12.84 -1.14
N GLU A 71 9.92 -11.71 -1.77
CA GLU A 71 11.26 -11.39 -2.19
C GLU A 71 12.12 -10.92 -1.04
N LYS A 72 11.51 -10.14 -0.18
CA LYS A 72 12.20 -9.57 0.97
C LYS A 72 12.55 -10.58 2.07
N HIS A 73 11.73 -11.61 2.23
CA HIS A 73 11.94 -12.62 3.27
C HIS A 73 11.94 -14.01 2.61
N PRO A 74 12.92 -14.25 1.73
CA PRO A 74 12.99 -15.54 1.05
C PRO A 74 13.05 -16.78 1.94
N ASP A 75 13.41 -16.63 3.21
CA ASP A 75 13.51 -17.77 4.13
C ASP A 75 12.26 -18.14 4.86
N ILE A 76 11.23 -17.32 4.74
CA ILE A 76 9.97 -17.62 5.41
C ILE A 76 9.01 -18.32 4.46
N PRO A 77 8.39 -19.44 4.89
CA PRO A 77 7.42 -20.15 4.06
C PRO A 77 6.21 -19.20 4.05
N ILE A 78 5.77 -18.79 2.87
CA ILE A 78 4.65 -17.88 2.77
C ILE A 78 3.64 -18.46 1.80
N CYS A 79 2.43 -18.70 2.31
CA CYS A 79 1.35 -19.20 1.44
C CYS A 79 0.47 -17.98 1.05
N ILE A 80 0.17 -17.82 -0.24
CA ILE A 80 -0.69 -16.69 -0.69
C ILE A 80 -1.97 -17.38 -1.04
N HIS A 81 -3.04 -17.11 -0.27
CA HIS A 81 -4.32 -17.80 -0.35
C HIS A 81 -5.57 -16.90 -0.71
N LEU A 82 -6.43 -17.42 -1.58
CA LEU A 82 -7.65 -16.69 -1.97
C LEU A 82 -8.71 -17.06 -0.92
N ASP A 83 -9.18 -16.07 -0.17
CA ASP A 83 -10.17 -16.32 0.91
C ASP A 83 -11.59 -16.24 0.32
N HIS A 84 -12.51 -17.15 0.72
CA HIS A 84 -13.89 -17.15 0.25
C HIS A 84 -14.12 -17.04 -1.23
N GLY A 85 -13.41 -17.86 -2.01
CA GLY A 85 -13.63 -17.88 -3.45
C GLY A 85 -15.03 -18.41 -3.63
N ASP A 86 -15.78 -17.84 -4.57
CA ASP A 86 -17.14 -18.33 -4.75
C ASP A 86 -17.37 -19.14 -6.03
N THR A 87 -16.50 -18.96 -7.03
CA THR A 87 -16.64 -19.67 -8.30
C THR A 87 -15.30 -20.19 -8.82
N LEU A 88 -15.37 -21.09 -9.80
CA LEU A 88 -14.16 -21.62 -10.43
C LEU A 88 -13.43 -20.44 -11.08
N GLU A 89 -14.22 -19.50 -11.60
CA GLU A 89 -13.62 -18.33 -12.24
C GLU A 89 -12.80 -17.47 -11.25
N SER A 90 -13.29 -17.28 -10.01
CA SER A 90 -12.52 -16.47 -9.07
C SER A 90 -11.21 -17.26 -8.72
N VAL A 91 -11.28 -18.58 -8.79
CA VAL A 91 -10.13 -19.45 -8.50
C VAL A 91 -9.10 -19.38 -9.64
N LYS A 92 -9.58 -19.35 -10.89
CA LYS A 92 -8.66 -19.27 -12.04
C LYS A 92 -7.94 -17.94 -11.98
N MET A 93 -8.69 -16.92 -11.64
CA MET A 93 -8.18 -15.57 -11.50
C MET A 93 -7.03 -15.53 -10.46
N ALA A 94 -7.27 -16.11 -9.27
CA ALA A 94 -6.27 -16.12 -8.18
C ALA A 94 -5.01 -16.93 -8.57
N ILE A 95 -5.22 -18.07 -9.20
CA ILE A 95 -4.10 -18.88 -9.60
C ILE A 95 -3.28 -18.10 -10.64
N ASP A 96 -3.93 -17.36 -11.54
CA ASP A 96 -3.19 -16.58 -12.55
C ASP A 96 -2.38 -15.50 -11.89
N LEU A 97 -2.78 -15.02 -10.72
CA LEU A 97 -2.01 -14.00 -10.05
C LEU A 97 -0.83 -14.65 -9.27
N GLY A 98 -0.65 -15.96 -9.41
CA GLY A 98 0.45 -16.61 -8.71
C GLY A 98 0.16 -17.23 -7.32
N PHE A 99 -1.10 -17.21 -6.87
CA PHE A 99 -1.44 -17.81 -5.55
C PHE A 99 -1.07 -19.30 -5.44
N SER A 100 -0.78 -19.76 -4.23
CA SER A 100 -0.46 -21.16 -4.02
C SER A 100 -1.60 -21.88 -3.37
N SER A 101 -2.67 -21.15 -3.02
CA SER A 101 -3.77 -21.81 -2.35
C SER A 101 -5.10 -21.05 -2.57
N VAL A 102 -6.22 -21.77 -2.57
CA VAL A 102 -7.51 -21.12 -2.75
C VAL A 102 -8.55 -21.78 -1.85
N MET A 103 -9.55 -21.01 -1.44
CA MET A 103 -10.66 -21.57 -0.70
C MET A 103 -11.88 -21.42 -1.65
N ILE A 104 -12.64 -22.50 -1.85
CA ILE A 104 -13.86 -22.48 -2.64
C ILE A 104 -14.94 -22.65 -1.59
N ASP A 105 -15.71 -21.61 -1.34
CA ASP A 105 -16.75 -21.67 -0.32
C ASP A 105 -18.12 -21.85 -0.96
N ALA A 106 -18.64 -23.07 -0.93
CA ALA A 106 -19.97 -23.36 -1.46
C ALA A 106 -20.78 -23.91 -0.27
N SER A 107 -20.44 -23.46 0.94
CA SER A 107 -21.14 -23.93 2.14
C SER A 107 -22.62 -23.55 2.22
N HIS A 108 -23.06 -22.52 1.50
CA HIS A 108 -24.51 -22.21 1.57
C HIS A 108 -25.36 -23.00 0.56
N HIS A 109 -24.75 -23.99 -0.09
CA HIS A 109 -25.43 -24.86 -1.04
C HIS A 109 -25.64 -26.21 -0.36
N PRO A 110 -26.62 -26.99 -0.83
CA PRO A 110 -26.89 -28.32 -0.27
C PRO A 110 -25.62 -29.16 -0.48
N PHE A 111 -25.45 -30.17 0.35
CA PHE A 111 -24.29 -31.03 0.33
C PHE A 111 -23.81 -31.46 -1.07
N ASP A 112 -24.67 -32.02 -1.91
CA ASP A 112 -24.22 -32.48 -3.22
C ASP A 112 -23.76 -31.38 -4.19
N GLU A 113 -24.34 -30.21 -4.07
CA GLU A 113 -23.93 -29.12 -4.93
C GLU A 113 -22.60 -28.56 -4.37
N ASN A 114 -22.47 -28.52 -3.05
CA ASN A 114 -21.22 -28.06 -2.40
C ASN A 114 -20.10 -29.00 -2.93
N VAL A 115 -20.35 -30.30 -2.90
CA VAL A 115 -19.38 -31.31 -3.37
C VAL A 115 -19.08 -31.08 -4.85
N ARG A 116 -20.12 -30.91 -5.68
CA ARG A 116 -19.93 -30.67 -7.12
C ARG A 116 -19.08 -29.44 -7.41
N ILE A 117 -19.42 -28.31 -6.82
CA ILE A 117 -18.69 -27.09 -7.05
C ILE A 117 -17.25 -27.27 -6.58
N THR A 118 -17.09 -27.83 -5.38
CA THR A 118 -15.76 -28.02 -4.82
C THR A 118 -14.91 -28.95 -5.71
N LYS A 119 -15.48 -30.07 -6.17
CA LYS A 119 -14.70 -31.01 -7.01
C LYS A 119 -14.16 -30.39 -8.28
N GLU A 120 -14.91 -29.48 -8.87
CA GLU A 120 -14.48 -28.81 -10.10
C GLU A 120 -13.23 -27.97 -9.80
N VAL A 121 -13.26 -27.24 -8.67
CA VAL A 121 -12.11 -26.42 -8.28
C VAL A 121 -10.92 -27.32 -7.92
N VAL A 122 -11.18 -28.45 -7.26
CA VAL A 122 -10.09 -29.34 -6.86
C VAL A 122 -9.36 -29.91 -8.08
N ALA A 123 -10.11 -30.29 -9.12
CA ALA A 123 -9.49 -30.83 -10.35
C ALA A 123 -8.62 -29.76 -11.00
N TYR A 124 -9.11 -28.53 -11.07
CA TYR A 124 -8.32 -27.45 -11.68
C TYR A 124 -7.09 -27.06 -10.88
N ALA A 125 -7.27 -26.88 -9.58
CA ALA A 125 -6.18 -26.47 -8.72
C ALA A 125 -5.09 -27.55 -8.55
N HIS A 126 -5.49 -28.78 -8.28
CA HIS A 126 -4.47 -29.80 -8.07
C HIS A 126 -3.71 -30.11 -9.34
N ALA A 127 -4.27 -29.76 -10.49
CA ALA A 127 -3.59 -29.96 -11.76
C ALA A 127 -2.42 -28.98 -11.85
N ARG A 128 -2.46 -27.91 -11.06
CA ARG A 128 -1.39 -26.91 -11.04
C ARG A 128 -0.59 -26.90 -9.71
N GLY A 129 -0.81 -27.92 -8.89
CA GLY A 129 -0.13 -28.05 -7.61
C GLY A 129 -0.68 -27.12 -6.51
N VAL A 130 -1.75 -26.38 -6.80
CA VAL A 130 -2.37 -25.41 -5.87
C VAL A 130 -3.29 -26.07 -4.85
N SER A 131 -3.17 -25.66 -3.59
CA SER A 131 -3.98 -26.25 -2.52
C SER A 131 -5.45 -25.75 -2.47
N VAL A 132 -6.31 -26.61 -1.95
CA VAL A 132 -7.72 -26.22 -1.85
C VAL A 132 -8.31 -26.42 -0.47
N GLU A 133 -8.93 -25.36 0.04
CA GLU A 133 -9.63 -25.42 1.32
C GLU A 133 -11.12 -25.31 0.91
N ALA A 134 -12.02 -26.07 1.54
CA ALA A 134 -13.44 -25.91 1.22
C ALA A 134 -14.16 -25.83 2.58
N GLU A 135 -15.46 -25.57 2.58
CA GLU A 135 -16.18 -25.49 3.87
C GLU A 135 -17.45 -26.36 3.91
N LEU A 136 -17.73 -26.96 5.08
CA LEU A 136 -18.93 -27.76 5.27
C LEU A 136 -19.52 -27.19 6.55
N GLY A 137 -20.74 -26.65 6.45
CA GLY A 137 -21.37 -26.02 7.59
C GLY A 137 -21.27 -24.50 7.41
N THR A 138 -22.18 -23.75 8.05
CA THR A 138 -22.15 -22.30 7.90
C THR A 138 -21.72 -21.52 9.14
N LEU A 139 -21.10 -20.36 8.92
CA LEU A 139 -20.66 -19.52 10.04
C LEU A 139 -21.86 -18.78 10.68
N GLY A 140 -21.69 -18.33 11.93
CA GLY A 140 -22.74 -17.64 12.66
C GLY A 140 -22.74 -18.12 14.11
N GLY A 141 -23.36 -17.33 14.99
CA GLY A 141 -23.43 -17.68 16.40
C GLY A 141 -24.52 -18.67 16.74
N ILE A 142 -24.27 -19.53 17.73
CA ILE A 142 -25.23 -20.57 18.14
C ILE A 142 -26.48 -19.99 18.84
N GLU A 143 -26.28 -19.09 19.79
CA GLU A 143 -27.42 -18.52 20.50
C GLU A 143 -28.06 -17.31 19.83
N GLN A 147 -35.38 -20.42 15.96
CA GLN A 147 -35.62 -20.46 14.50
C GLN A 147 -34.33 -20.71 13.79
N ASN A 148 -33.30 -20.94 14.57
CA ASN A 148 -31.97 -20.99 14.07
C ASN A 148 -31.63 -21.84 12.88
N THR A 149 -30.95 -21.14 11.98
CA THR A 149 -30.49 -21.60 10.67
C THR A 149 -28.98 -21.82 10.55
N VAL A 150 -28.22 -21.64 11.62
CA VAL A 150 -26.78 -21.88 11.52
C VAL A 150 -26.68 -23.39 11.37
N GLN A 151 -25.76 -23.85 10.52
CA GLN A 151 -25.60 -25.28 10.32
C GLN A 151 -24.18 -25.65 10.77
N LEU A 152 -24.08 -26.21 11.97
CA LEU A 152 -22.77 -26.59 12.50
C LEU A 152 -22.30 -27.84 11.74
N THR A 153 -21.00 -28.03 11.69
CA THR A 153 -20.49 -29.20 10.95
C THR A 153 -20.84 -30.54 11.65
N GLU A 154 -21.47 -31.46 10.92
CA GLU A 154 -21.76 -32.82 11.46
C GLU A 154 -20.50 -33.66 11.09
N PRO A 155 -19.74 -34.11 12.10
CA PRO A 155 -18.53 -34.90 11.79
C PRO A 155 -18.64 -36.01 10.78
N GLN A 156 -19.69 -36.85 10.84
CA GLN A 156 -19.83 -37.92 9.86
C GLN A 156 -20.03 -37.43 8.46
N ASP A 157 -20.62 -36.24 8.30
CA ASP A 157 -20.78 -35.69 6.97
C ASP A 157 -19.46 -35.10 6.48
N ALA A 158 -18.66 -34.54 7.42
CA ALA A 158 -17.34 -33.95 7.09
C ALA A 158 -16.48 -35.10 6.55
N LYS A 159 -16.61 -36.27 7.16
CA LYS A 159 -15.86 -37.44 6.70
C LYS A 159 -16.22 -37.73 5.22
N LYS A 160 -17.52 -37.77 4.92
CA LYS A 160 -17.95 -38.06 3.56
C LYS A 160 -17.55 -36.98 2.57
N PHE A 161 -17.68 -35.72 2.99
CA PHE A 161 -17.35 -34.59 2.13
C PHE A 161 -15.87 -34.59 1.70
N VAL A 162 -14.99 -34.88 2.63
CA VAL A 162 -13.57 -34.88 2.30
C VAL A 162 -13.25 -36.09 1.37
N GLU A 163 -13.88 -37.25 1.65
CA GLU A 163 -13.70 -38.45 0.81
C GLU A 163 -14.16 -38.22 -0.61
N LEU A 164 -15.25 -37.47 -0.78
CA LEU A 164 -15.75 -37.17 -2.12
C LEU A 164 -15.01 -36.04 -2.87
N THR A 165 -14.41 -35.12 -2.12
CA THR A 165 -13.77 -33.98 -2.76
C THR A 165 -12.25 -34.03 -2.85
N GLY A 166 -11.59 -34.67 -1.89
CA GLY A 166 -10.14 -34.69 -1.89
C GLY A 166 -9.50 -33.33 -1.52
N VAL A 167 -10.23 -32.45 -0.84
CA VAL A 167 -9.63 -31.18 -0.48
C VAL A 167 -8.45 -31.37 0.50
N ASP A 168 -7.56 -30.39 0.53
CA ASP A 168 -6.37 -30.42 1.40
C ASP A 168 -6.68 -29.90 2.80
N ALA A 169 -7.73 -29.08 2.94
CA ALA A 169 -8.05 -28.50 4.26
C ALA A 169 -9.56 -28.22 4.34
N LEU A 170 -10.14 -28.40 5.52
CA LEU A 170 -11.59 -28.17 5.66
C LEU A 170 -11.92 -27.09 6.71
N ALA A 171 -12.72 -26.09 6.33
CA ALA A 171 -13.15 -25.03 7.27
C ALA A 171 -14.39 -25.61 7.96
N VAL A 172 -14.47 -25.54 9.28
CA VAL A 172 -15.58 -26.13 10.03
C VAL A 172 -16.45 -25.03 10.69
N ALA A 173 -17.71 -25.40 10.97
CA ALA A 173 -18.64 -24.47 11.58
C ALA A 173 -18.82 -24.91 13.00
N ILE A 174 -18.39 -24.03 13.91
CA ILE A 174 -18.41 -24.31 15.33
C ILE A 174 -18.91 -23.17 16.21
N GLY A 175 -19.70 -22.27 15.62
CA GLY A 175 -20.25 -21.16 16.39
C GLY A 175 -19.54 -19.81 16.29
N THR A 176 -18.44 -19.73 15.52
CA THR A 176 -17.76 -18.42 15.32
C THR A 176 -18.49 -17.71 14.14
N SER A 177 -18.26 -16.41 14.00
CA SER A 177 -18.86 -15.64 12.93
C SER A 177 -17.81 -14.54 12.64
N HIS A 178 -17.91 -13.93 11.47
CA HIS A 178 -17.00 -12.84 11.06
C HIS A 178 -17.35 -11.55 11.80
N GLY A 179 -16.37 -10.69 12.06
CA GLY A 179 -16.73 -9.41 12.67
C GLY A 179 -16.36 -9.21 14.12
N ALA A 180 -16.57 -7.99 14.58
CA ALA A 180 -16.18 -7.63 15.94
C ALA A 180 -17.24 -7.89 17.01
N TYR A 181 -18.38 -8.48 16.62
CA TYR A 181 -19.49 -8.68 17.59
C TYR A 181 -19.91 -10.14 17.58
N LYS A 182 -19.02 -11.03 18.01
CA LYS A 182 -19.30 -12.47 17.89
C LYS A 182 -20.25 -13.10 18.89
N PHE A 183 -20.35 -12.50 20.07
CA PHE A 183 -21.22 -13.01 21.11
C PHE A 183 -21.90 -11.79 21.76
N LYS A 184 -23.10 -11.97 22.30
CA LYS A 184 -23.78 -10.83 22.94
C LYS A 184 -22.98 -10.25 24.10
N SER A 185 -22.16 -11.04 24.79
CA SER A 185 -21.36 -10.46 25.87
C SER A 185 -20.17 -11.35 26.20
N GLU A 186 -19.23 -10.85 27.00
CA GLU A 186 -18.06 -11.65 27.35
C GLU A 186 -18.36 -12.81 28.29
N SER A 187 -19.55 -12.81 28.88
CA SER A 187 -19.97 -13.88 29.77
C SER A 187 -20.87 -14.86 29.00
N ASP A 188 -21.16 -14.52 27.74
CA ASP A 188 -22.02 -15.35 26.90
C ASP A 188 -21.30 -15.96 25.71
N ILE A 189 -20.15 -16.58 25.95
CA ILE A 189 -19.38 -17.18 24.87
C ILE A 189 -19.66 -18.69 24.78
N ARG A 190 -20.39 -19.08 23.74
CA ARG A 190 -20.75 -20.47 23.53
C ARG A 190 -20.17 -20.93 22.22
N LEU A 191 -19.25 -21.88 22.27
CA LEU A 191 -18.68 -22.42 21.02
C LEU A 191 -18.89 -23.93 20.97
N ALA A 192 -18.75 -24.52 19.80
CA ALA A 192 -18.97 -25.94 19.66
C ALA A 192 -17.67 -26.62 19.25
N ILE A 193 -16.62 -26.42 20.06
CA ILE A 193 -15.32 -26.99 19.74
C ILE A 193 -15.06 -28.44 20.13
N ASP A 194 -15.99 -29.04 20.87
CA ASP A 194 -15.83 -30.44 21.26
C ASP A 194 -15.79 -31.35 20.04
N ARG A 195 -16.35 -30.92 18.93
CA ARG A 195 -16.40 -31.77 17.74
C ARG A 195 -15.14 -31.75 16.89
N VAL A 196 -14.25 -30.80 17.16
CA VAL A 196 -13.04 -30.62 16.37
C VAL A 196 -12.17 -31.87 16.32
N LYS A 197 -11.93 -32.51 17.46
CA LYS A 197 -11.08 -33.73 17.47
C LYS A 197 -11.71 -34.83 16.61
N THR A 198 -13.02 -34.99 16.74
CA THR A 198 -13.78 -35.98 15.98
C THR A 198 -13.65 -35.71 14.48
N ILE A 199 -13.91 -34.47 14.07
CA ILE A 199 -13.76 -34.14 12.66
C ILE A 199 -12.32 -34.41 12.14
N SER A 200 -11.34 -34.02 12.95
CA SER A 200 -9.94 -34.18 12.57
C SER A 200 -9.61 -35.64 12.34
N ASP A 201 -9.98 -36.50 13.31
CA ASP A 201 -9.74 -37.92 13.16
C ASP A 201 -10.52 -38.53 12.02
N LEU A 202 -11.80 -38.21 11.90
CA LEU A 202 -12.57 -38.82 10.80
C LEU A 202 -12.10 -38.36 9.43
N THR A 203 -11.71 -37.10 9.29
CA THR A 203 -11.28 -36.60 7.96
C THR A 203 -9.82 -36.86 7.69
N GLY A 204 -9.02 -36.81 8.75
CA GLY A 204 -7.60 -37.04 8.62
C GLY A 204 -6.82 -35.89 8.01
N ILE A 205 -7.46 -34.72 7.88
CA ILE A 205 -6.77 -33.54 7.29
C ILE A 205 -6.82 -32.30 8.19
N PRO A 206 -5.96 -31.30 7.92
CA PRO A 206 -5.86 -30.04 8.65
C PRO A 206 -7.23 -29.31 8.63
N LEU A 207 -7.65 -28.76 9.76
CA LEU A 207 -8.94 -28.02 9.84
C LEU A 207 -8.70 -26.51 9.96
N VAL A 208 -9.66 -25.71 9.49
CA VAL A 208 -9.54 -24.25 9.47
C VAL A 208 -10.67 -23.58 10.28
N MET A 209 -10.31 -22.62 11.10
CA MET A 209 -11.30 -21.91 11.89
C MET A 209 -11.44 -20.52 11.30
N HIS A 210 -12.65 -20.11 10.92
CA HIS A 210 -12.89 -18.78 10.42
C HIS A 210 -13.50 -17.93 11.57
N GLY A 211 -13.53 -16.60 11.41
CA GLY A 211 -14.11 -15.70 12.40
C GLY A 211 -13.44 -15.85 13.76
N SER A 212 -12.12 -16.01 13.71
CA SER A 212 -11.33 -16.23 14.92
C SER A 212 -10.53 -15.09 15.47
N SER A 213 -10.92 -13.87 15.14
CA SER A 213 -10.26 -12.71 15.75
C SER A 213 -10.60 -12.79 17.25
N SER A 214 -9.72 -12.28 18.11
CA SER A 214 -9.96 -12.30 19.56
C SER A 214 -10.49 -11.00 20.16
N VAL A 215 -10.36 -9.85 19.45
CA VAL A 215 -10.77 -8.50 19.96
C VAL A 215 -10.10 -8.25 21.32
N PRO A 216 -8.76 -8.22 21.33
CA PRO A 216 -8.02 -8.00 22.58
C PRO A 216 -8.43 -6.70 23.26
N LYS A 217 -8.35 -6.66 24.59
CA LYS A 217 -8.72 -5.49 25.37
C LYS A 217 -7.96 -4.19 25.00
N ASP A 218 -6.64 -4.25 24.93
CA ASP A 218 -5.81 -3.06 24.60
C ASP A 218 -6.33 -2.36 23.35
N VAL A 219 -6.53 -3.14 22.28
CA VAL A 219 -7.00 -2.59 21.00
C VAL A 219 -8.42 -2.04 21.02
N LYS A 220 -9.32 -2.76 21.67
CA LYS A 220 -10.71 -2.28 21.79
C LYS A 220 -10.73 -1.02 22.68
N ASP A 221 -9.97 -1.03 23.78
CA ASP A 221 -9.98 0.15 24.66
C ASP A 221 -9.42 1.40 23.98
N MET A 222 -8.38 1.24 23.15
CA MET A 222 -7.82 2.40 22.48
C MET A 222 -8.85 3.02 21.52
N ILE A 223 -9.53 2.19 20.75
CA ILE A 223 -10.55 2.70 19.83
C ILE A 223 -11.61 3.48 20.58
N ASN A 224 -12.15 2.89 21.64
CA ASN A 224 -13.21 3.56 22.41
C ASN A 224 -12.70 4.76 23.20
N LYS A 225 -11.41 4.76 23.55
CA LYS A 225 -10.87 5.92 24.28
C LYS A 225 -10.75 7.14 23.40
N TYR A 226 -10.51 6.91 22.11
CA TYR A 226 -10.32 8.04 21.19
C TYR A 226 -11.38 8.35 20.14
N GLY A 227 -12.66 8.40 20.56
CA GLY A 227 -13.74 8.81 19.64
C GLY A 227 -14.46 7.68 18.93
N GLY A 228 -13.92 6.46 19.10
CA GLY A 228 -14.50 5.30 18.43
C GLY A 228 -15.76 4.84 19.13
N LYS A 229 -16.62 4.11 18.41
CA LYS A 229 -17.89 3.61 18.95
C LYS A 229 -18.05 2.08 18.81
N MET A 230 -17.32 1.33 19.66
CA MET A 230 -17.38 -0.15 19.61
C MET A 230 -17.44 -0.68 21.04
N PRO A 231 -18.36 -0.14 21.84
CA PRO A 231 -18.49 -0.58 23.23
C PRO A 231 -18.75 -2.08 23.45
N ASP A 232 -19.56 -2.69 22.58
CA ASP A 232 -19.92 -4.10 22.73
C ASP A 232 -19.05 -5.17 22.03
N ALA A 233 -17.92 -4.77 21.43
CA ALA A 233 -17.06 -5.73 20.73
C ALA A 233 -16.55 -6.89 21.60
N VAL A 234 -16.67 -8.09 21.05
CA VAL A 234 -16.16 -9.30 21.74
C VAL A 234 -15.68 -10.29 20.66
N GLY A 235 -14.56 -10.98 20.90
CA GLY A 235 -14.04 -11.95 19.93
C GLY A 235 -13.92 -13.30 20.59
N VAL A 236 -13.22 -14.25 19.95
CA VAL A 236 -13.03 -15.59 20.46
C VAL A 236 -11.84 -15.60 21.46
N PRO A 237 -12.04 -16.07 22.69
CA PRO A 237 -10.88 -16.06 23.60
C PRO A 237 -9.72 -16.87 23.07
N ILE A 238 -8.54 -16.34 23.24
CA ILE A 238 -7.35 -17.06 22.76
C ILE A 238 -7.18 -18.50 23.32
N GLU A 239 -7.58 -18.73 24.58
CA GLU A 239 -7.47 -20.06 25.23
C GLU A 239 -8.33 -21.03 24.52
N SER A 240 -9.45 -20.53 23.98
CA SER A 240 -10.32 -21.44 23.21
C SER A 240 -9.67 -21.86 21.89
N ILE A 241 -8.97 -20.91 21.26
CA ILE A 241 -8.33 -21.21 19.98
C ILE A 241 -7.18 -22.18 20.22
N VAL A 242 -6.42 -21.92 21.29
CA VAL A 242 -5.35 -22.86 21.64
C VAL A 242 -5.92 -24.29 21.82
N HIS A 243 -7.04 -24.40 22.53
CA HIS A 243 -7.64 -25.72 22.74
C HIS A 243 -8.02 -26.39 21.40
N ALA A 244 -8.65 -25.61 20.53
CA ALA A 244 -9.05 -26.13 19.24
C ALA A 244 -7.80 -26.55 18.42
N ILE A 245 -6.73 -25.77 18.53
CA ILE A 245 -5.48 -26.09 17.81
C ILE A 245 -4.99 -27.45 18.29
N GLY A 246 -5.01 -27.65 19.63
CA GLY A 246 -4.60 -28.93 20.17
C GLY A 246 -5.46 -30.06 19.66
N GLU A 247 -6.70 -29.77 19.24
CA GLU A 247 -7.60 -30.81 18.75
C GLU A 247 -7.54 -31.07 17.24
N GLY A 248 -6.78 -30.26 16.49
CA GLY A 248 -6.72 -30.51 15.05
C GLY A 248 -6.86 -29.29 14.15
N VAL A 249 -7.11 -28.12 14.73
CA VAL A 249 -7.22 -26.89 13.94
C VAL A 249 -5.80 -26.43 13.63
N CYS A 250 -5.50 -26.27 12.34
CA CYS A 250 -4.19 -25.87 11.91
C CYS A 250 -4.09 -24.52 11.28
N LYS A 251 -5.23 -23.92 10.88
CA LYS A 251 -5.17 -22.60 10.23
C LYS A 251 -6.21 -21.74 10.95
N ILE A 252 -5.85 -20.54 11.37
CA ILE A 252 -6.76 -19.69 12.11
C ILE A 252 -6.85 -18.36 11.37
N ASN A 253 -8.06 -18.02 10.92
CA ASN A 253 -8.32 -16.81 10.14
C ASN A 253 -8.54 -15.61 11.07
N VAL A 254 -7.78 -14.55 10.82
CA VAL A 254 -7.80 -13.32 11.61
C VAL A 254 -7.71 -12.11 10.70
N ASP A 255 -8.71 -11.25 10.82
CA ASP A 255 -8.81 -10.04 10.02
C ASP A 255 -9.24 -8.86 10.91
N SER A 256 -10.35 -9.03 11.62
CA SER A 256 -10.86 -7.92 12.48
C SER A 256 -9.84 -7.40 13.50
N ASP A 257 -9.02 -8.26 14.11
CA ASP A 257 -8.05 -7.75 15.09
C ASP A 257 -7.06 -6.78 14.48
N SER A 258 -6.57 -7.09 13.28
CA SER A 258 -5.62 -6.22 12.62
C SER A 258 -6.32 -4.97 12.14
N ARG A 259 -7.57 -5.06 11.72
CA ARG A 259 -8.27 -3.83 11.33
C ARG A 259 -8.41 -2.92 12.57
N MET A 260 -8.85 -3.47 13.69
CA MET A 260 -8.98 -2.64 14.88
C MET A 260 -7.66 -2.08 15.39
N ALA A 261 -6.57 -2.85 15.32
CA ALA A 261 -5.29 -2.35 15.81
C ALA A 261 -4.92 -1.10 15.03
N MET A 262 -5.02 -1.17 13.70
CA MET A 262 -4.68 -0.01 12.88
C MET A 262 -5.59 1.19 13.17
N THR A 263 -6.90 0.95 13.22
CA THR A 263 -7.85 2.05 13.48
C THR A 263 -7.63 2.70 14.86
N GLY A 264 -7.43 1.89 15.87
CA GLY A 264 -7.15 2.46 17.19
C GLY A 264 -5.92 3.36 17.20
N ALA A 265 -4.84 2.92 16.54
CA ALA A 265 -3.61 3.68 16.49
C ALA A 265 -3.76 5.03 15.82
N ILE A 266 -4.53 5.04 14.72
CA ILE A 266 -4.76 6.26 14.00
C ILE A 266 -5.59 7.21 14.86
N ARG A 267 -6.60 6.68 15.53
CA ARG A 267 -7.48 7.54 16.35
C ARG A 267 -6.70 8.19 17.46
N LYS A 268 -5.72 7.46 18.01
CA LYS A 268 -4.88 8.01 19.08
C LYS A 268 -4.04 9.18 18.55
N VAL A 269 -3.38 8.98 17.41
CA VAL A 269 -2.57 10.07 16.85
C VAL A 269 -3.41 11.30 16.51
N PHE A 270 -4.60 11.08 15.93
CA PHE A 270 -5.47 12.20 15.60
C PHE A 270 -5.79 13.08 16.81
N VAL A 271 -6.00 12.45 17.95
CA VAL A 271 -6.34 13.19 19.20
C VAL A 271 -5.11 13.80 19.88
N GLU A 272 -4.07 13.01 20.07
CA GLU A 272 -2.84 13.48 20.73
C GLU A 272 -2.06 14.53 19.91
N HIS A 273 -2.07 14.39 18.58
CA HIS A 273 -1.34 15.34 17.74
C HIS A 273 -2.20 15.74 16.56
N PRO A 274 -3.24 16.57 16.79
CA PRO A 274 -4.19 17.06 15.79
C PRO A 274 -3.63 17.92 14.68
N GLU A 275 -2.37 18.37 14.84
CA GLU A 275 -1.76 19.18 13.78
C GLU A 275 -1.12 18.28 12.69
N LYS A 276 -0.96 16.99 12.97
CA LYS A 276 -0.28 16.14 11.99
C LYS A 276 -1.20 15.74 10.86
N PHE A 277 -0.69 15.84 9.63
CA PHE A 277 -1.50 15.50 8.47
C PHE A 277 -0.78 14.60 7.48
N ASP A 278 0.42 14.14 7.84
CA ASP A 278 1.10 13.21 6.93
C ASP A 278 0.59 11.77 7.20
N PRO A 279 -0.01 11.12 6.19
CA PRO A 279 -0.48 9.75 6.42
C PRO A 279 0.60 8.82 7.08
N ARG A 280 1.89 9.04 6.80
CA ARG A 280 2.89 8.21 7.46
C ARG A 280 2.86 8.42 8.98
N ASP A 281 2.44 9.61 9.40
CA ASP A 281 2.38 9.98 10.81
C ASP A 281 1.40 9.10 11.60
N TYR A 282 0.37 8.57 10.93
CA TYR A 282 -0.55 7.68 11.62
C TYR A 282 -0.62 6.24 11.08
N LEU A 283 -0.29 6.01 9.79
CA LEU A 283 -0.32 4.66 9.21
C LEU A 283 0.91 3.90 9.73
N GLY A 284 1.99 4.63 10.04
CA GLY A 284 3.20 4.02 10.64
C GLY A 284 2.79 3.37 11.99
N PRO A 285 2.28 4.17 12.95
CA PRO A 285 1.83 3.67 14.26
C PRO A 285 0.81 2.52 14.04
N GLY A 286 -0.06 2.69 13.05
CA GLY A 286 -1.03 1.69 12.70
C GLY A 286 -0.37 0.38 12.33
N ARG A 287 0.65 0.42 11.47
CA ARG A 287 1.37 -0.77 11.05
C ARG A 287 2.02 -1.41 12.27
N ASP A 288 2.62 -0.57 13.09
CA ASP A 288 3.29 -1.08 14.27
C ASP A 288 2.34 -1.67 15.30
N ALA A 289 1.14 -1.11 15.41
CA ALA A 289 0.19 -1.65 16.37
C ALA A 289 -0.24 -3.04 15.90
N ILE A 290 -0.31 -3.26 14.58
CA ILE A 290 -0.65 -4.56 14.05
C ILE A 290 0.46 -5.54 14.46
N THR A 291 1.70 -5.17 14.23
CA THR A 291 2.78 -6.06 14.60
C THR A 291 2.71 -6.44 16.11
N GLU A 292 2.58 -5.43 16.98
CA GLU A 292 2.54 -5.67 18.42
C GLU A 292 1.38 -6.51 18.91
N MET A 293 0.20 -6.33 18.32
CA MET A 293 -0.96 -7.14 18.67
C MET A 293 -0.77 -8.60 18.24
N LEU A 294 -0.14 -8.80 17.07
CA LEU A 294 0.09 -10.13 16.53
C LEU A 294 1.17 -10.97 17.22
N ILE A 295 2.22 -10.34 17.75
CA ILE A 295 3.28 -11.16 18.38
C ILE A 295 2.79 -12.18 19.45
N PRO A 296 2.03 -11.74 20.46
CA PRO A 296 1.59 -12.75 21.43
C PRO A 296 0.60 -13.77 20.85
N LYS A 297 -0.18 -13.34 19.84
CA LYS A 297 -1.14 -14.23 19.22
C LYS A 297 -0.40 -15.36 18.49
N ILE A 298 0.60 -15.00 17.69
CA ILE A 298 1.36 -15.99 16.95
C ILE A 298 2.08 -16.96 17.93
N LYS A 299 2.57 -16.43 19.05
CA LYS A 299 3.22 -17.28 20.04
C LYS A 299 2.18 -18.29 20.59
N ALA A 300 0.97 -17.83 20.85
CA ALA A 300 -0.08 -18.76 21.35
C ALA A 300 -0.50 -19.80 20.29
N PHE A 301 -0.48 -19.43 19.00
CA PHE A 301 -0.88 -20.36 17.96
C PHE A 301 0.20 -21.40 17.93
N GLY A 302 1.43 -20.98 18.23
CA GLY A 302 2.51 -21.96 18.29
C GLY A 302 3.42 -22.13 17.11
N SER A 303 3.16 -21.36 16.07
CA SER A 303 3.95 -21.44 14.86
C SER A 303 5.35 -20.77 15.01
N ALA A 304 5.55 -20.02 16.08
CA ALA A 304 6.83 -19.38 16.30
C ALA A 304 7.96 -20.43 16.28
N GLY A 305 9.06 -20.12 15.60
CA GLY A 305 10.23 -20.99 15.54
C GLY A 305 10.23 -22.09 14.52
N HIS A 306 9.12 -22.21 13.81
CA HIS A 306 8.95 -23.27 12.85
C HIS A 306 9.20 -22.96 11.38
N ALA A 307 9.48 -21.70 11.06
CA ALA A 307 9.72 -21.29 9.69
C ALA A 307 10.84 -22.08 9.03
N GLY A 308 11.83 -22.50 9.83
CA GLY A 308 12.97 -23.25 9.29
C GLY A 308 12.85 -24.75 9.25
N ASP A 309 11.74 -25.28 9.81
CA ASP A 309 11.54 -26.74 9.89
C ASP A 309 11.57 -27.56 8.62
N TYR A 310 11.26 -26.95 7.48
CA TYR A 310 11.18 -27.76 6.28
C TYR A 310 11.58 -27.16 4.96
N LYS A 311 12.03 -27.99 4.03
CA LYS A 311 12.35 -27.51 2.68
C LYS A 311 11.00 -27.35 1.92
N VAL A 312 10.72 -26.14 1.46
CA VAL A 312 9.49 -25.83 0.78
C VAL A 312 9.34 -26.40 -0.61
N VAL A 313 8.24 -27.12 -0.79
CA VAL A 313 7.94 -27.73 -2.07
C VAL A 313 7.26 -26.75 -3.03
N SER A 314 7.79 -26.58 -4.24
CA SER A 314 7.23 -25.65 -5.22
C SER A 314 5.91 -26.17 -5.81
N LEU A 315 5.17 -25.29 -6.46
CA LEU A 315 3.91 -25.70 -7.09
C LEU A 315 4.16 -26.77 -8.14
N GLU A 316 5.22 -26.61 -8.94
CA GLU A 316 5.50 -27.60 -9.99
C GLU A 316 5.75 -28.97 -9.38
N GLU A 317 6.54 -29.00 -8.32
CA GLU A 317 6.82 -30.24 -7.64
C GLU A 317 5.59 -30.79 -6.94
N ALA A 318 4.74 -29.89 -6.44
CA ALA A 318 3.52 -30.29 -5.74
C ALA A 318 2.53 -31.02 -6.65
N LYS A 319 2.57 -30.77 -7.95
CA LYS A 319 1.68 -31.51 -8.83
C LYS A 319 1.82 -33.04 -8.65
N ALA A 320 2.99 -33.49 -8.20
CA ALA A 320 3.25 -34.92 -8.02
C ALA A 320 2.40 -35.55 -6.94
N TRP A 321 2.00 -34.75 -5.97
CA TRP A 321 1.21 -35.25 -4.87
C TRP A 321 -0.14 -35.73 -5.30
N TYR A 322 -0.61 -35.17 -6.38
CA TYR A 322 -1.94 -35.51 -6.80
C TYR A 322 -1.95 -36.46 -7.98
N LYS A 323 -0.82 -37.13 -8.22
CA LYS A 323 -0.67 -38.12 -9.30
C LYS A 323 -0.36 -39.50 -8.74
N PRO B 2 4.37 3.84 -20.33
CA PRO B 2 5.66 3.13 -20.10
C PRO B 2 6.55 3.98 -19.17
N LEU B 3 7.63 3.39 -18.65
CA LEU B 3 8.59 4.14 -17.82
C LEU B 3 9.21 5.20 -18.73
N CYS B 4 9.21 6.45 -18.28
CA CYS B 4 9.67 7.55 -19.13
C CYS B 4 10.69 8.44 -18.44
N THR B 5 11.67 8.96 -19.20
CA THR B 5 12.67 9.85 -18.62
C THR B 5 12.09 11.22 -18.32
N LEU B 6 12.70 11.92 -17.38
CA LEU B 6 12.26 13.26 -17.04
C LEU B 6 12.66 14.16 -18.22
N ARG B 7 13.81 13.88 -18.83
CA ARG B 7 14.29 14.72 -19.95
C ARG B 7 13.24 14.76 -21.07
N GLN B 8 12.73 13.60 -21.48
CA GLN B 8 11.71 13.56 -22.56
C GLN B 8 10.40 14.14 -22.11
N MET B 9 9.90 13.67 -20.98
CA MET B 9 8.65 14.17 -20.48
C MET B 9 8.63 15.72 -20.34
N LEU B 10 9.62 16.30 -19.69
CA LEU B 10 9.63 17.75 -19.53
C LEU B 10 9.99 18.51 -20.83
N GLY B 11 10.73 17.85 -21.74
CA GLY B 11 11.07 18.49 -23.00
C GLY B 11 9.75 18.70 -23.78
N GLU B 12 8.85 17.73 -23.71
CA GLU B 12 7.55 17.81 -24.40
C GLU B 12 6.70 18.88 -23.73
N ALA B 13 6.75 18.93 -22.42
CA ALA B 13 6.01 19.95 -21.67
C ALA B 13 6.55 21.34 -22.02
N ARG B 14 7.86 21.48 -22.09
CA ARG B 14 8.40 22.81 -22.36
C ARG B 14 7.99 23.31 -23.77
N LYS B 15 8.04 22.40 -24.74
CA LYS B 15 7.74 22.75 -26.13
C LYS B 15 6.27 23.14 -26.38
N HIS B 16 5.34 22.58 -25.62
CA HIS B 16 3.94 22.87 -25.77
C HIS B 16 3.43 23.79 -24.69
N LYS B 17 4.33 24.28 -23.84
CA LYS B 17 3.98 25.17 -22.75
C LYS B 17 2.94 24.64 -21.74
N TYR B 18 3.18 23.45 -21.22
CA TYR B 18 2.34 22.93 -20.18
C TYR B 18 3.28 22.45 -19.08
N GLY B 19 2.69 22.14 -17.93
CA GLY B 19 3.48 21.67 -16.79
C GLY B 19 2.98 20.30 -16.38
N VAL B 20 3.85 19.48 -15.81
CA VAL B 20 3.47 18.14 -15.39
C VAL B 20 3.55 18.04 -13.86
N GLY B 21 2.47 17.64 -13.21
CA GLY B 21 2.51 17.50 -11.77
C GLY B 21 3.41 16.33 -11.37
N ALA B 22 4.21 16.53 -10.31
CA ALA B 22 5.10 15.49 -9.80
C ALA B 22 4.55 15.28 -8.41
N PHE B 23 3.96 14.11 -8.20
CA PHE B 23 3.33 13.77 -6.96
C PHE B 23 4.08 12.76 -6.11
N ASN B 24 4.33 13.14 -4.86
CA ASN B 24 5.03 12.29 -3.92
C ASN B 24 4.11 11.14 -3.50
N VAL B 25 4.63 9.91 -3.51
CA VAL B 25 3.87 8.75 -3.12
C VAL B 25 4.64 8.01 -2.00
N ASN B 26 3.90 7.28 -1.17
CA ASN B 26 4.44 6.56 -0.02
C ASN B 26 3.79 5.17 0.19
N ASN B 27 2.64 4.93 -0.44
CA ASN B 27 1.95 3.66 -0.23
C ASN B 27 0.97 3.38 -1.38
N MET B 28 0.20 2.31 -1.29
CA MET B 28 -0.74 1.95 -2.38
C MET B 28 -1.86 2.94 -2.69
N GLU B 29 -2.61 3.36 -1.69
CA GLU B 29 -3.74 4.28 -1.91
C GLU B 29 -3.31 5.63 -2.53
N GLN B 30 -2.11 6.11 -2.17
CA GLN B 30 -1.63 7.36 -2.74
C GLN B 30 -1.35 7.19 -4.24
N ILE B 31 -0.62 6.13 -4.59
CA ILE B 31 -0.33 5.89 -6.02
C ILE B 31 -1.67 5.65 -6.76
N GLN B 32 -2.59 4.86 -6.19
CA GLN B 32 -3.88 4.65 -6.90
C GLN B 32 -4.67 5.96 -7.07
N GLY B 33 -4.71 6.83 -6.05
CA GLY B 33 -5.45 8.08 -6.21
C GLY B 33 -4.85 9.01 -7.29
N ILE B 34 -3.53 9.05 -7.35
CA ILE B 34 -2.83 9.85 -8.35
C ILE B 34 -3.10 9.26 -9.74
N MET B 35 -2.85 7.96 -9.92
CA MET B 35 -3.07 7.33 -11.23
C MET B 35 -4.50 7.51 -11.79
N LYS B 36 -5.49 7.34 -10.94
CA LYS B 36 -6.87 7.47 -11.40
C LYS B 36 -7.09 8.86 -12.00
N ALA B 37 -6.44 9.87 -11.43
CA ALA B 37 -6.60 11.21 -11.95
C ALA B 37 -5.88 11.43 -13.28
N VAL B 38 -4.61 11.02 -13.35
CA VAL B 38 -3.89 11.25 -14.60
C VAL B 38 -4.40 10.33 -15.70
N VAL B 39 -4.96 9.19 -15.34
CA VAL B 39 -5.45 8.27 -16.36
C VAL B 39 -6.77 8.85 -16.92
N GLN B 40 -7.62 9.33 -16.02
CA GLN B 40 -8.87 9.94 -16.43
C GLN B 40 -8.62 11.16 -17.35
N LEU B 41 -7.57 11.95 -17.10
CA LEU B 41 -7.28 13.14 -17.91
C LEU B 41 -6.27 12.83 -19.02
N LYS B 42 -5.87 11.56 -19.17
CA LYS B 42 -4.87 11.14 -20.19
C LYS B 42 -3.67 12.06 -20.18
N SER B 43 -3.01 12.11 -19.02
CA SER B 43 -1.87 12.99 -18.82
C SER B 43 -0.60 12.25 -18.37
N PRO B 44 0.59 12.74 -18.74
CA PRO B 44 1.85 12.10 -18.27
C PRO B 44 1.90 12.39 -16.76
N VAL B 45 2.82 11.76 -16.04
CA VAL B 45 2.83 12.00 -14.61
C VAL B 45 4.21 11.61 -14.12
N ILE B 46 4.60 12.24 -13.02
CA ILE B 46 5.88 11.91 -12.38
C ILE B 46 5.46 11.43 -10.99
N LEU B 47 5.91 10.24 -10.60
CA LEU B 47 5.60 9.75 -9.28
C LEU B 47 6.94 9.91 -8.56
N GLN B 48 6.98 10.66 -7.46
CA GLN B 48 8.27 10.80 -6.84
C GLN B 48 8.35 10.25 -5.46
N CYS B 49 9.51 9.67 -5.17
CA CYS B 49 9.76 9.03 -3.91
C CYS B 49 10.94 9.70 -3.21
N SER B 50 10.72 10.16 -1.99
CA SER B 50 11.80 10.78 -1.22
C SER B 50 12.57 9.64 -0.53
N ARG B 51 13.69 9.94 0.12
CA ARG B 51 14.39 8.87 0.81
C ARG B 51 13.48 8.39 1.97
N GLY B 52 12.70 9.31 2.55
CA GLY B 52 11.79 8.98 3.64
C GLY B 52 10.71 8.00 3.19
N ALA B 53 10.19 8.21 2.00
CA ALA B 53 9.22 7.30 1.43
C ALA B 53 9.88 5.90 1.20
N LEU B 54 11.09 5.86 0.69
CA LEU B 54 11.74 4.57 0.49
C LEU B 54 11.99 3.88 1.84
N LYS B 55 12.30 4.65 2.88
CA LYS B 55 12.53 4.02 4.18
C LYS B 55 11.20 3.49 4.73
N TYR B 56 10.15 4.30 4.62
CA TYR B 56 8.81 3.98 5.09
C TYR B 56 8.32 2.68 4.48
N SER B 57 8.64 2.48 3.19
CA SER B 57 8.21 1.29 2.44
C SER B 57 9.28 0.18 2.30
N ASP B 58 10.34 0.25 3.10
CA ASP B 58 11.44 -0.75 3.03
C ASP B 58 11.93 -0.95 1.60
N MET B 59 11.87 0.13 0.83
CA MET B 59 12.25 0.22 -0.58
C MET B 59 11.49 -0.69 -1.54
N ILE B 60 11.57 -2.00 -1.30
CA ILE B 60 10.94 -2.97 -2.18
C ILE B 60 9.43 -2.84 -2.35
N TYR B 61 8.66 -2.58 -1.29
CA TYR B 61 7.20 -2.44 -1.50
C TYR B 61 6.84 -1.24 -2.41
N LEU B 62 7.58 -0.13 -2.33
CA LEU B 62 7.26 1.03 -3.19
C LEU B 62 7.69 0.70 -4.64
N LYS B 63 8.82 0.02 -4.81
CA LYS B 63 9.25 -0.39 -6.16
C LYS B 63 8.18 -1.25 -6.86
N LYS B 64 7.67 -2.25 -6.14
CA LYS B 64 6.68 -3.15 -6.68
C LYS B 64 5.37 -2.38 -6.95
N LEU B 65 5.02 -1.46 -6.07
CA LEU B 65 3.79 -0.70 -6.30
C LEU B 65 3.91 0.12 -7.56
N CYS B 66 5.12 0.70 -7.79
CA CYS B 66 5.35 1.50 -9.00
C CYS B 66 5.27 0.57 -10.23
N GLU B 67 5.80 -0.66 -10.12
CA GLU B 67 5.69 -1.63 -11.22
C GLU B 67 4.22 -1.91 -11.57
N ALA B 68 3.38 -2.06 -10.53
CA ALA B 68 1.93 -2.27 -10.72
C ALA B 68 1.31 -1.15 -11.53
N ALA B 69 1.61 0.12 -11.17
CA ALA B 69 1.07 1.30 -11.89
C ALA B 69 1.56 1.27 -13.33
N LEU B 70 2.85 0.99 -13.51
CA LEU B 70 3.40 0.90 -14.87
C LEU B 70 2.74 -0.19 -15.73
N GLU B 71 2.47 -1.34 -15.12
CA GLU B 71 1.87 -2.46 -15.81
C GLU B 71 0.38 -2.22 -16.11
N LYS B 72 -0.31 -1.62 -15.14
CA LYS B 72 -1.73 -1.37 -15.25
C LYS B 72 -2.15 -0.34 -16.29
N HIS B 73 -1.30 0.67 -16.50
CA HIS B 73 -1.59 1.76 -17.44
C HIS B 73 -0.41 1.90 -18.39
N PRO B 74 -0.21 0.90 -19.27
CA PRO B 74 0.92 0.92 -20.20
C PRO B 74 1.01 2.10 -21.13
N ASP B 75 -0.12 2.73 -21.43
CA ASP B 75 -0.10 3.86 -22.35
C ASP B 75 0.22 5.23 -21.77
N ILE B 76 0.37 5.34 -20.45
CA ILE B 76 0.69 6.63 -19.84
C ILE B 76 2.20 6.72 -19.59
N PRO B 77 2.87 7.82 -20.04
CA PRO B 77 4.32 8.01 -19.82
C PRO B 77 4.37 8.29 -18.29
N ILE B 78 5.19 7.52 -17.59
CA ILE B 78 5.29 7.64 -16.15
C ILE B 78 6.76 7.69 -15.81
N CYS B 79 7.14 8.79 -15.19
CA CYS B 79 8.52 8.97 -14.76
C CYS B 79 8.57 8.61 -13.26
N ILE B 80 9.55 7.79 -12.86
CA ILE B 80 9.69 7.44 -11.41
C ILE B 80 10.97 8.19 -11.03
N HIS B 81 10.84 9.10 -10.06
CA HIS B 81 11.88 10.07 -9.71
C HIS B 81 12.23 10.17 -8.21
N LEU B 82 13.53 10.19 -7.91
CA LEU B 82 14.00 10.30 -6.50
C LEU B 82 13.94 11.80 -6.16
N ASP B 83 13.09 12.16 -5.22
CA ASP B 83 12.97 13.56 -4.79
C ASP B 83 14.03 13.86 -3.74
N HIS B 84 14.64 15.05 -3.79
CA HIS B 84 15.66 15.46 -2.81
C HIS B 84 16.75 14.48 -2.43
N GLY B 85 17.40 13.92 -3.43
CA GLY B 85 18.48 13.01 -3.11
C GLY B 85 19.57 13.87 -2.52
N ASP B 86 20.30 13.38 -1.53
CA ASP B 86 21.33 14.16 -0.89
C ASP B 86 22.75 13.78 -1.25
N THR B 87 22.96 12.57 -1.71
CA THR B 87 24.29 12.07 -2.02
C THR B 87 24.27 11.13 -3.22
N LEU B 88 25.45 10.94 -3.82
CA LEU B 88 25.57 9.99 -4.91
C LEU B 88 25.08 8.66 -4.37
N GLU B 89 25.32 8.35 -3.09
CA GLU B 89 24.81 7.07 -2.59
C GLU B 89 23.27 6.90 -2.70
N SER B 90 22.48 7.92 -2.38
CA SER B 90 21.04 7.75 -2.53
C SER B 90 20.64 7.65 -4.03
N VAL B 91 21.34 8.38 -4.87
CA VAL B 91 21.10 8.29 -6.30
C VAL B 91 21.37 6.86 -6.77
N LYS B 92 22.44 6.21 -6.26
CA LYS B 92 22.76 4.86 -6.71
C LYS B 92 21.66 3.88 -6.30
N MET B 93 21.19 4.06 -5.09
CA MET B 93 20.11 3.29 -4.56
C MET B 93 18.84 3.40 -5.45
N ALA B 94 18.46 4.63 -5.82
CA ALA B 94 17.29 4.85 -6.67
C ALA B 94 17.53 4.19 -8.07
N ILE B 95 18.70 4.41 -8.64
CA ILE B 95 19.00 3.81 -9.95
C ILE B 95 18.91 2.28 -9.86
N ASP B 96 19.46 1.70 -8.80
CA ASP B 96 19.34 0.25 -8.64
C ASP B 96 17.89 -0.25 -8.51
N LEU B 97 16.99 0.57 -7.99
CA LEU B 97 15.59 0.18 -7.89
C LEU B 97 14.87 0.33 -9.24
N GLY B 98 15.55 0.83 -10.25
CA GLY B 98 14.89 0.98 -11.54
C GLY B 98 14.38 2.39 -11.86
N PHE B 99 14.67 3.40 -11.02
CA PHE B 99 14.20 4.77 -11.31
C PHE B 99 14.65 5.36 -12.66
N SER B 100 13.83 6.22 -13.25
CA SER B 100 14.23 6.85 -14.51
C SER B 100 14.71 8.30 -14.32
N SER B 101 14.72 8.81 -13.09
CA SER B 101 15.11 10.18 -12.88
C SER B 101 15.48 10.37 -11.40
N VAL B 102 16.42 11.27 -11.14
CA VAL B 102 16.83 11.58 -9.77
C VAL B 102 17.05 13.07 -9.58
N MET B 103 16.84 13.53 -8.34
CA MET B 103 17.15 14.90 -7.99
C MET B 103 18.37 14.83 -7.08
N ILE B 104 19.38 15.63 -7.36
CA ILE B 104 20.51 15.71 -6.43
C ILE B 104 20.39 17.16 -5.93
N ASP B 105 20.07 17.32 -4.66
CA ASP B 105 19.93 18.65 -4.05
C ASP B 105 21.15 18.98 -3.20
N ALA B 106 21.98 19.85 -3.73
CA ALA B 106 23.19 20.27 -3.05
C ALA B 106 23.09 21.80 -2.98
N SER B 107 21.85 22.31 -2.95
CA SER B 107 21.62 23.76 -2.93
C SER B 107 22.05 24.50 -1.66
N HIS B 108 22.25 23.79 -0.55
CA HIS B 108 22.74 24.47 0.64
C HIS B 108 24.26 24.59 0.63
N HIS B 109 24.90 24.05 -0.42
CA HIS B 109 26.35 24.14 -0.54
C HIS B 109 26.67 25.36 -1.38
N PRO B 110 27.92 25.87 -1.28
CA PRO B 110 28.32 27.05 -2.07
C PRO B 110 28.30 26.59 -3.55
N PHE B 111 28.13 27.52 -4.50
CA PHE B 111 28.05 27.26 -5.94
C PHE B 111 29.06 26.22 -6.45
N ASP B 112 30.37 26.37 -6.16
CA ASP B 112 31.37 25.38 -6.61
C ASP B 112 31.14 23.97 -6.12
N GLU B 113 30.77 23.82 -4.86
CA GLU B 113 30.55 22.50 -4.29
C GLU B 113 29.21 21.93 -4.79
N ASN B 114 28.22 22.81 -5.00
CA ASN B 114 26.93 22.40 -5.57
C ASN B 114 27.27 21.78 -6.95
N VAL B 115 28.06 22.51 -7.74
CA VAL B 115 28.44 22.07 -9.09
C VAL B 115 29.22 20.76 -9.00
N ARG B 116 30.19 20.68 -8.09
CA ARG B 116 30.94 19.43 -8.00
C ARG B 116 30.08 18.17 -7.68
N ILE B 117 29.22 18.27 -6.67
CA ILE B 117 28.38 17.13 -6.26
C ILE B 117 27.41 16.75 -7.37
N THR B 118 26.79 17.77 -7.97
CA THR B 118 25.84 17.53 -9.04
C THR B 118 26.52 16.88 -10.26
N LYS B 119 27.67 17.42 -10.68
CA LYS B 119 28.36 16.83 -11.86
C LYS B 119 28.65 15.35 -11.64
N GLU B 120 29.08 14.99 -10.44
CA GLU B 120 29.41 13.58 -10.19
C GLU B 120 28.16 12.69 -10.39
N VAL B 121 27.00 13.17 -9.95
CA VAL B 121 25.76 12.42 -10.10
C VAL B 121 25.37 12.42 -11.58
N VAL B 122 25.53 13.53 -12.27
CA VAL B 122 25.17 13.57 -13.69
C VAL B 122 26.01 12.54 -14.47
N ALA B 123 27.29 12.39 -14.15
CA ALA B 123 28.10 11.43 -14.91
C ALA B 123 27.60 10.02 -14.78
N TYR B 124 27.29 9.64 -13.54
CA TYR B 124 26.81 8.32 -13.22
C TYR B 124 25.39 8.04 -13.77
N ALA B 125 24.48 8.97 -13.55
CA ALA B 125 23.10 8.77 -14.04
C ALA B 125 22.99 8.76 -15.59
N HIS B 126 23.63 9.71 -16.23
CA HIS B 126 23.57 9.79 -17.68
C HIS B 126 24.17 8.56 -18.35
N ALA B 127 25.14 7.92 -17.69
CA ALA B 127 25.76 6.71 -18.21
C ALA B 127 24.66 5.64 -18.30
N ARG B 128 23.64 5.74 -17.44
CA ARG B 128 22.50 4.81 -17.47
C ARG B 128 21.26 5.34 -18.19
N GLY B 129 21.33 6.53 -18.75
CA GLY B 129 20.13 7.05 -19.45
C GLY B 129 19.16 7.75 -18.49
N VAL B 130 19.53 7.77 -17.22
CA VAL B 130 18.71 8.36 -16.13
C VAL B 130 18.79 9.90 -16.06
N SER B 131 17.63 10.59 -16.01
CA SER B 131 17.64 12.03 -15.92
C SER B 131 18.07 12.61 -14.57
N VAL B 132 18.58 13.82 -14.61
CA VAL B 132 18.98 14.51 -13.38
C VAL B 132 18.42 15.94 -13.22
N GLU B 133 17.80 16.18 -12.07
CA GLU B 133 17.30 17.49 -11.71
C GLU B 133 18.24 17.97 -10.60
N ALA B 134 18.66 19.23 -10.61
CA ALA B 134 19.47 19.77 -9.51
C ALA B 134 18.79 21.08 -9.08
N GLU B 135 19.34 21.72 -8.05
CA GLU B 135 18.73 22.95 -7.59
C GLU B 135 19.77 24.06 -7.34
N LEU B 136 19.45 25.28 -7.77
CA LEU B 136 20.31 26.44 -7.50
C LEU B 136 19.43 27.49 -6.76
N GLY B 137 19.83 27.84 -5.54
CA GLY B 137 19.02 28.76 -4.74
C GLY B 137 18.34 27.91 -3.67
N THR B 138 17.89 28.53 -2.58
CA THR B 138 17.27 27.76 -1.55
C THR B 138 15.78 28.10 -1.33
N LEU B 139 15.03 27.09 -0.87
CA LEU B 139 13.60 27.25 -0.65
C LEU B 139 13.41 28.05 0.61
N GLY B 140 12.28 28.73 0.66
CA GLY B 140 11.97 29.57 1.82
C GLY B 140 11.20 30.77 1.33
N GLY B 141 10.47 31.42 2.24
CA GLY B 141 9.70 32.58 1.84
C GLY B 141 10.52 33.85 1.88
N ILE B 142 10.09 34.80 1.06
CA ILE B 142 10.74 36.10 0.91
C ILE B 142 10.62 37.00 2.17
N GLU B 143 9.45 37.06 2.79
CA GLU B 143 9.27 37.87 4.00
C GLU B 143 9.27 39.38 3.70
N ASN B 148 16.99 36.37 7.57
CA ASN B 148 16.44 35.58 6.47
C ASN B 148 17.53 34.91 5.64
N THR B 149 17.58 33.58 5.69
CA THR B 149 18.59 32.82 4.97
C THR B 149 18.16 32.36 3.56
N VAL B 150 17.09 32.93 2.99
CA VAL B 150 16.63 32.48 1.66
C VAL B 150 17.45 33.09 0.55
N GLN B 151 17.86 32.25 -0.38
CA GLN B 151 18.70 32.75 -1.48
C GLN B 151 17.92 32.43 -2.75
N LEU B 152 17.27 33.47 -3.31
CA LEU B 152 16.50 33.34 -4.55
C LEU B 152 17.45 33.05 -5.70
N THR B 153 16.97 32.38 -6.73
CA THR B 153 17.85 31.99 -7.82
C THR B 153 18.35 33.20 -8.62
N GLU B 154 19.67 33.32 -8.78
CA GLU B 154 20.26 34.43 -9.60
C GLU B 154 20.29 33.87 -11.02
N PRO B 155 19.52 34.42 -11.94
CA PRO B 155 19.42 33.83 -13.31
C PRO B 155 20.73 33.69 -14.11
N GLN B 156 21.67 34.62 -14.02
CA GLN B 156 22.91 34.50 -14.78
C GLN B 156 23.74 33.38 -14.18
N ASP B 157 23.60 33.18 -12.87
CA ASP B 157 24.30 32.06 -12.20
C ASP B 157 23.61 30.74 -12.62
N ALA B 158 22.29 30.74 -12.83
CA ALA B 158 21.61 29.50 -13.23
C ALA B 158 22.15 29.02 -14.59
N LYS B 159 22.46 29.98 -15.46
CA LYS B 159 22.96 29.70 -16.81
C LYS B 159 24.31 29.01 -16.67
N LYS B 160 25.18 29.61 -15.88
CA LYS B 160 26.50 29.02 -15.66
C LYS B 160 26.37 27.64 -15.00
N PHE B 161 25.51 27.50 -13.98
CA PHE B 161 25.34 26.19 -13.29
C PHE B 161 24.91 25.09 -14.28
N VAL B 162 23.90 25.35 -15.10
CA VAL B 162 23.47 24.32 -16.06
C VAL B 162 24.58 23.99 -17.09
N GLU B 163 25.28 24.99 -17.60
CA GLU B 163 26.39 24.73 -18.56
C GLU B 163 27.47 23.84 -17.93
N LEU B 164 27.75 24.06 -16.66
CA LEU B 164 28.85 23.33 -16.00
C LEU B 164 28.43 21.94 -15.54
N THR B 165 27.14 21.76 -15.31
CA THR B 165 26.70 20.46 -14.81
C THR B 165 26.06 19.57 -15.85
N GLY B 166 25.36 20.15 -16.81
CA GLY B 166 24.72 19.29 -17.79
C GLY B 166 23.42 18.66 -17.32
N VAL B 167 22.85 19.16 -16.23
CA VAL B 167 21.58 18.61 -15.75
C VAL B 167 20.46 18.79 -16.77
N ASP B 168 19.44 17.92 -16.67
CA ASP B 168 18.25 17.92 -17.57
C ASP B 168 17.15 18.88 -17.11
N ALA B 169 17.16 19.28 -15.83
CA ALA B 169 16.09 20.17 -15.33
C ALA B 169 16.64 20.88 -14.13
N LEU B 170 16.16 22.10 -13.90
CA LEU B 170 16.66 22.89 -12.76
C LEU B 170 15.54 23.37 -11.84
N ALA B 171 15.65 23.04 -10.56
CA ALA B 171 14.66 23.54 -9.57
C ALA B 171 15.12 24.94 -9.21
N VAL B 172 14.18 25.88 -9.22
CA VAL B 172 14.48 27.27 -8.95
C VAL B 172 13.92 27.75 -7.60
N ALA B 173 14.52 28.79 -7.04
CA ALA B 173 14.06 29.34 -5.77
C ALA B 173 13.45 30.69 -6.04
N ILE B 174 12.14 30.75 -5.88
CA ILE B 174 11.39 31.97 -6.15
C ILE B 174 10.42 32.36 -5.00
N GLY B 175 10.70 31.90 -3.79
CA GLY B 175 9.87 32.24 -2.65
C GLY B 175 8.85 31.23 -2.16
N THR B 176 8.83 30.02 -2.73
CA THR B 176 7.90 28.99 -2.24
C THR B 176 8.66 28.17 -1.18
N SER B 177 7.97 27.36 -0.40
CA SER B 177 8.71 26.58 0.58
C SER B 177 7.88 25.34 0.79
N HIS B 178 8.46 24.28 1.35
CA HIS B 178 7.68 23.05 1.61
C HIS B 178 6.68 23.22 2.76
N GLY B 179 5.63 22.40 2.74
CA GLY B 179 4.68 22.39 3.85
C GLY B 179 3.37 23.15 3.69
N ALA B 180 2.55 23.11 4.74
CA ALA B 180 1.22 23.75 4.72
C ALA B 180 1.15 25.18 5.22
N TYR B 181 2.27 25.78 5.62
CA TYR B 181 2.28 27.15 6.17
C TYR B 181 3.31 28.03 5.42
N LYS B 182 3.06 28.19 4.13
CA LYS B 182 3.99 28.91 3.26
C LYS B 182 4.07 30.43 3.40
N PHE B 183 2.95 31.04 3.84
CA PHE B 183 2.90 32.51 3.97
C PHE B 183 2.14 32.82 5.28
N LYS B 184 2.49 33.95 5.91
CA LYS B 184 1.83 34.34 7.18
C LYS B 184 0.34 34.59 6.97
N SER B 185 -0.02 35.21 5.86
CA SER B 185 -1.44 35.43 5.63
C SER B 185 -1.70 35.35 4.15
N GLU B 186 -2.88 34.85 3.80
CA GLU B 186 -3.27 34.73 2.39
C GLU B 186 -3.46 36.09 1.66
N SER B 187 -3.32 37.20 2.38
CA SER B 187 -3.48 38.52 1.75
C SER B 187 -2.17 39.15 1.30
N ASP B 188 -1.05 38.67 1.84
CA ASP B 188 0.25 39.20 1.45
C ASP B 188 1.15 38.04 1.02
N ILE B 189 0.95 37.59 -0.20
CA ILE B 189 1.72 36.48 -0.78
C ILE B 189 2.64 37.08 -1.81
N ARG B 190 3.93 37.02 -1.55
CA ARG B 190 4.90 37.59 -2.46
C ARG B 190 5.83 36.51 -3.05
N LEU B 191 5.88 36.43 -4.37
CA LEU B 191 6.74 35.48 -5.06
C LEU B 191 7.64 36.22 -6.06
N ALA B 192 8.54 35.49 -6.73
CA ALA B 192 9.44 36.07 -7.73
C ALA B 192 9.24 35.42 -9.07
N ILE B 193 8.00 35.34 -9.54
CA ILE B 193 7.77 34.69 -10.82
C ILE B 193 8.30 35.52 -11.96
N ASP B 194 8.61 36.77 -11.67
CA ASP B 194 9.16 37.69 -12.67
C ASP B 194 10.44 37.19 -13.32
N ARG B 195 11.25 36.44 -12.60
CA ARG B 195 12.51 35.98 -13.15
C ARG B 195 12.45 34.59 -13.80
N VAL B 196 11.31 33.92 -13.69
CA VAL B 196 11.19 32.57 -14.25
C VAL B 196 11.49 32.57 -15.75
N LYS B 197 10.84 33.45 -16.53
CA LYS B 197 11.11 33.52 -17.98
C LYS B 197 12.62 33.74 -18.27
N THR B 198 13.26 34.64 -17.53
CA THR B 198 14.69 34.92 -17.74
C THR B 198 15.57 33.67 -17.53
N ILE B 199 15.27 32.91 -16.47
CA ILE B 199 16.03 31.69 -16.15
C ILE B 199 15.79 30.65 -17.26
N SER B 200 14.54 30.55 -17.70
CA SER B 200 14.19 29.58 -18.73
C SER B 200 14.96 29.87 -20.02
N ASP B 201 14.94 31.13 -20.45
CA ASP B 201 15.66 31.56 -21.68
C ASP B 201 17.18 31.43 -21.52
N LEU B 202 17.71 31.91 -20.41
CA LEU B 202 19.14 31.81 -20.21
C LEU B 202 19.64 30.36 -20.15
N THR B 203 18.94 29.46 -19.43
CA THR B 203 19.38 28.07 -19.29
C THR B 203 18.97 27.22 -20.48
N GLY B 204 17.82 27.55 -21.08
CA GLY B 204 17.34 26.77 -22.21
C GLY B 204 16.78 25.39 -21.82
N ILE B 205 16.55 25.14 -20.53
CA ILE B 205 16.01 23.84 -20.11
C ILE B 205 14.78 23.96 -19.19
N PRO B 206 14.02 22.85 -19.05
CA PRO B 206 12.83 22.75 -18.21
C PRO B 206 13.15 23.18 -16.77
N LEU B 207 12.25 23.97 -16.17
CA LEU B 207 12.44 24.40 -14.78
C LEU B 207 11.45 23.67 -13.84
N VAL B 208 11.79 23.55 -12.56
CA VAL B 208 10.98 22.81 -11.59
C VAL B 208 10.59 23.72 -10.43
N MET B 209 9.34 23.65 -10.01
CA MET B 209 8.88 24.42 -8.87
C MET B 209 8.64 23.47 -7.72
N HIS B 210 9.37 23.65 -6.64
CA HIS B 210 9.16 22.84 -5.45
C HIS B 210 8.18 23.61 -4.53
N GLY B 211 7.60 22.94 -3.54
CA GLY B 211 6.79 23.67 -2.57
C GLY B 211 5.58 24.32 -3.21
N SER B 212 4.97 23.61 -4.13
CA SER B 212 3.84 24.18 -4.86
C SER B 212 2.46 23.69 -4.56
N SER B 213 2.25 23.08 -3.39
CA SER B 213 0.87 22.72 -3.03
C SER B 213 0.10 24.07 -2.91
N SER B 214 -1.20 24.04 -3.11
CA SER B 214 -2.04 25.25 -3.06
C SER B 214 -2.85 25.38 -1.76
N VAL B 215 -2.98 24.28 -1.03
CA VAL B 215 -3.76 24.21 0.21
C VAL B 215 -5.15 24.79 -0.11
N PRO B 216 -5.92 24.08 -0.96
CA PRO B 216 -7.27 24.51 -1.34
C PRO B 216 -8.21 24.51 -0.10
N LYS B 217 -9.10 25.51 -0.03
CA LYS B 217 -10.05 25.70 1.08
C LYS B 217 -10.87 24.47 1.47
N ASP B 218 -11.49 23.80 0.49
CA ASP B 218 -12.30 22.61 0.81
C ASP B 218 -11.45 21.58 1.61
N VAL B 219 -10.21 21.37 1.17
CA VAL B 219 -9.35 20.41 1.87
C VAL B 219 -8.98 20.94 3.27
N LYS B 220 -8.64 22.23 3.39
CA LYS B 220 -8.27 22.80 4.68
C LYS B 220 -9.45 22.76 5.67
N ASP B 221 -10.60 23.16 5.16
CA ASP B 221 -11.81 23.19 5.99
C ASP B 221 -12.20 21.84 6.53
N MET B 222 -12.14 20.80 5.70
CA MET B 222 -12.51 19.49 6.16
C MET B 222 -11.62 19.07 7.35
N ILE B 223 -10.30 19.27 7.23
CA ILE B 223 -9.42 18.92 8.35
C ILE B 223 -9.83 19.67 9.65
N ASN B 224 -10.04 20.97 9.52
CA ASN B 224 -10.37 21.73 10.72
C ASN B 224 -11.78 21.49 11.27
N LYS B 225 -12.69 21.06 10.41
CA LYS B 225 -14.06 20.75 10.82
C LYS B 225 -14.13 19.47 11.67
N TYR B 226 -13.27 18.49 11.34
CA TYR B 226 -13.25 17.23 12.00
C TYR B 226 -12.10 16.94 12.96
N GLY B 227 -11.80 17.91 13.80
CA GLY B 227 -10.79 17.67 14.82
C GLY B 227 -9.36 18.06 14.57
N GLY B 228 -9.04 18.37 13.31
CA GLY B 228 -7.68 18.75 12.96
C GLY B 228 -7.34 20.14 13.46
N LYS B 229 -6.04 20.44 13.55
CA LYS B 229 -5.59 21.74 14.03
C LYS B 229 -4.59 22.38 13.04
N MET B 230 -5.13 22.90 11.94
CA MET B 230 -4.35 23.54 10.87
C MET B 230 -5.09 24.84 10.49
N PRO B 231 -5.39 25.67 11.49
CA PRO B 231 -6.11 26.93 11.23
C PRO B 231 -5.37 27.92 10.33
N ASP B 232 -4.06 28.00 10.46
CA ASP B 232 -3.30 28.99 9.70
C ASP B 232 -2.69 28.53 8.38
N ALA B 233 -3.01 27.32 7.93
CA ALA B 233 -2.42 26.79 6.68
C ALA B 233 -2.72 27.64 5.43
N VAL B 234 -1.70 27.85 4.59
CA VAL B 234 -1.81 28.62 3.34
C VAL B 234 -0.79 28.12 2.29
N GLY B 235 -1.26 27.99 1.04
CA GLY B 235 -0.42 27.52 -0.06
C GLY B 235 -0.24 28.51 -1.21
N VAL B 236 0.33 28.03 -2.32
CA VAL B 236 0.56 28.88 -3.46
C VAL B 236 -0.75 28.93 -4.29
N PRO B 237 -1.22 30.15 -4.64
CA PRO B 237 -2.47 30.23 -5.42
C PRO B 237 -2.21 29.56 -6.76
N ILE B 238 -3.17 28.76 -7.20
CA ILE B 238 -3.08 28.06 -8.50
C ILE B 238 -2.79 29.00 -9.69
N GLU B 239 -3.36 30.20 -9.70
CA GLU B 239 -3.12 31.14 -10.81
C GLU B 239 -1.64 31.53 -10.94
N SER B 240 -0.93 31.69 -9.83
CA SER B 240 0.48 32.02 -9.91
C SER B 240 1.29 30.84 -10.55
N ILE B 241 0.92 29.60 -10.24
CA ILE B 241 1.63 28.42 -10.81
C ILE B 241 1.32 28.40 -12.33
N VAL B 242 0.06 28.69 -12.68
CA VAL B 242 -0.30 28.67 -14.10
C VAL B 242 0.54 29.70 -14.85
N HIS B 243 0.69 30.88 -14.26
CA HIS B 243 1.52 31.91 -14.88
C HIS B 243 2.99 31.44 -15.00
N ALA B 244 3.52 30.87 -13.93
CA ALA B 244 4.90 30.36 -13.97
C ALA B 244 5.11 29.30 -15.08
N ILE B 245 4.13 28.41 -15.27
CA ILE B 245 4.19 27.36 -16.31
C ILE B 245 4.31 28.06 -17.67
N GLY B 246 3.56 29.13 -17.85
CA GLY B 246 3.65 29.88 -19.09
C GLY B 246 5.04 30.50 -19.27
N GLU B 247 5.74 30.75 -18.17
CA GLU B 247 7.06 31.35 -18.29
C GLU B 247 8.18 30.30 -18.37
N GLY B 248 7.83 29.01 -18.36
CA GLY B 248 8.89 28.00 -18.46
C GLY B 248 8.97 26.97 -17.36
N VAL B 249 8.10 27.03 -16.36
CA VAL B 249 8.16 25.97 -15.35
C VAL B 249 7.49 24.75 -15.97
N CYS B 250 8.18 23.60 -15.94
CA CYS B 250 7.63 22.36 -16.55
C CYS B 250 7.24 21.24 -15.59
N LYS B 251 7.68 21.32 -14.34
CA LYS B 251 7.42 20.29 -13.36
C LYS B 251 6.98 21.00 -12.09
N ILE B 252 5.89 20.55 -11.50
CA ILE B 252 5.35 21.21 -10.29
C ILE B 252 5.20 20.15 -9.19
N ASN B 253 6.02 20.28 -8.15
CA ASN B 253 6.03 19.33 -7.06
C ASN B 253 4.86 19.56 -6.09
N VAL B 254 4.05 18.53 -5.88
CA VAL B 254 2.89 18.62 -5.00
C VAL B 254 2.83 17.40 -4.08
N ASP B 255 2.83 17.69 -2.78
CA ASP B 255 2.81 16.65 -1.79
C ASP B 255 1.84 16.96 -0.60
N SER B 256 1.97 18.13 -0.02
CA SER B 256 1.09 18.50 1.11
C SER B 256 -0.40 18.42 0.79
N ASP B 257 -0.80 18.88 -0.40
CA ASP B 257 -2.23 18.85 -0.75
C ASP B 257 -2.76 17.42 -0.71
N SER B 258 -1.99 16.45 -1.21
CA SER B 258 -2.45 15.06 -1.18
C SER B 258 -2.51 14.52 0.26
N ARG B 259 -1.53 14.91 1.06
CA ARG B 259 -1.50 14.48 2.44
C ARG B 259 -2.76 15.05 3.14
N MET B 260 -3.02 16.33 2.94
CA MET B 260 -4.22 16.97 3.54
C MET B 260 -5.54 16.36 3.04
N ALA B 261 -5.69 16.19 1.72
CA ALA B 261 -6.92 15.58 1.20
C ALA B 261 -7.19 14.17 1.86
N MET B 262 -6.16 13.33 1.95
CA MET B 262 -6.36 12.02 2.58
C MET B 262 -6.67 12.17 4.08
N THR B 263 -5.94 13.04 4.79
CA THR B 263 -6.18 13.19 6.22
C THR B 263 -7.59 13.76 6.49
N GLY B 264 -8.00 14.74 5.69
CA GLY B 264 -9.33 15.33 5.83
C GLY B 264 -10.43 14.27 5.66
N ALA B 265 -10.30 13.40 4.66
CA ALA B 265 -11.33 12.38 4.42
C ALA B 265 -11.43 11.37 5.57
N ILE B 266 -10.28 10.86 6.05
CA ILE B 266 -10.31 9.92 7.15
C ILE B 266 -10.94 10.60 8.40
N ARG B 267 -10.61 11.85 8.68
CA ARG B 267 -11.15 12.52 9.89
C ARG B 267 -12.68 12.62 9.79
N LYS B 268 -13.15 12.87 8.58
CA LYS B 268 -14.59 12.99 8.34
C LYS B 268 -15.31 11.66 8.66
N VAL B 269 -14.77 10.54 8.17
CA VAL B 269 -15.37 9.24 8.44
C VAL B 269 -15.34 8.91 9.92
N PHE B 270 -14.21 9.23 10.56
CA PHE B 270 -14.04 8.93 11.98
C PHE B 270 -15.14 9.58 12.81
N VAL B 271 -15.52 10.80 12.41
CA VAL B 271 -16.56 11.57 13.12
C VAL B 271 -17.99 11.17 12.69
N GLU B 272 -18.24 11.01 11.39
CA GLU B 272 -19.58 10.63 10.94
C GLU B 272 -19.98 9.17 11.17
N HIS B 273 -19.01 8.26 11.22
CA HIS B 273 -19.28 6.85 11.44
C HIS B 273 -18.22 6.33 12.37
N PRO B 274 -18.28 6.72 13.64
CA PRO B 274 -17.29 6.29 14.64
C PRO B 274 -17.30 4.79 14.92
N GLU B 275 -18.28 4.09 14.36
CA GLU B 275 -18.31 2.66 14.59
C GLU B 275 -17.45 1.88 13.58
N LYS B 276 -17.04 2.53 12.48
CA LYS B 276 -16.27 1.81 11.48
C LYS B 276 -14.83 1.65 11.86
N PHE B 277 -14.25 0.50 11.54
CA PHE B 277 -12.86 0.24 11.88
C PHE B 277 -12.10 -0.45 10.76
N ASP B 278 -12.77 -0.69 9.64
CA ASP B 278 -12.08 -1.31 8.50
C ASP B 278 -11.30 -0.22 7.77
N PRO B 279 -9.97 -0.36 7.70
CA PRO B 279 -9.19 0.65 7.01
C PRO B 279 -9.73 0.99 5.62
N ARG B 280 -10.29 0.03 4.89
CA ARG B 280 -10.85 0.33 3.56
C ARG B 280 -11.97 1.37 3.62
N ASP B 281 -12.76 1.37 4.70
CA ASP B 281 -13.87 2.36 4.83
C ASP B 281 -13.37 3.83 4.91
N TYR B 282 -12.13 4.06 5.34
CA TYR B 282 -11.61 5.43 5.41
C TYR B 282 -10.46 5.74 4.46
N LEU B 283 -9.59 4.76 4.19
CA LEU B 283 -8.49 4.98 3.25
C LEU B 283 -9.11 5.03 1.86
N GLY B 284 -10.18 4.28 1.61
CA GLY B 284 -10.85 4.36 0.31
C GLY B 284 -11.26 5.83 0.06
N PRO B 285 -12.11 6.40 0.92
CA PRO B 285 -12.50 7.81 0.72
C PRO B 285 -11.27 8.72 0.69
N GLY B 286 -10.20 8.35 1.41
CA GLY B 286 -9.02 9.18 1.41
C GLY B 286 -8.38 9.18 0.01
N ARG B 287 -8.30 8.00 -0.55
CA ARG B 287 -7.75 7.81 -1.92
C ARG B 287 -8.61 8.61 -2.92
N ASP B 288 -9.92 8.51 -2.78
CA ASP B 288 -10.79 9.22 -3.73
C ASP B 288 -10.65 10.70 -3.56
N ALA B 289 -10.46 11.16 -2.33
CA ALA B 289 -10.30 12.60 -2.11
C ALA B 289 -9.10 13.13 -2.83
N ILE B 290 -8.02 12.33 -2.80
CA ILE B 290 -6.81 12.70 -3.51
C ILE B 290 -7.13 12.88 -4.99
N THR B 291 -7.76 11.88 -5.58
CA THR B 291 -8.09 11.97 -7.00
C THR B 291 -8.94 13.19 -7.33
N GLU B 292 -9.98 13.46 -6.54
CA GLU B 292 -10.86 14.61 -6.86
C GLU B 292 -10.15 15.94 -6.74
N MET B 293 -9.22 16.04 -5.78
CA MET B 293 -8.46 17.28 -5.59
C MET B 293 -7.45 17.49 -6.75
N LEU B 294 -6.86 16.42 -7.26
CA LEU B 294 -5.87 16.51 -8.33
C LEU B 294 -6.42 16.81 -9.73
N ILE B 295 -7.63 16.33 -10.03
CA ILE B 295 -8.20 16.58 -11.35
C ILE B 295 -8.21 18.05 -11.79
N PRO B 296 -8.82 18.98 -11.02
CA PRO B 296 -8.76 20.39 -11.51
C PRO B 296 -7.34 20.96 -11.48
N LYS B 297 -6.48 20.46 -10.59
CA LYS B 297 -5.10 20.93 -10.53
C LYS B 297 -4.39 20.51 -11.81
N ILE B 298 -4.53 19.25 -12.22
CA ILE B 298 -3.87 18.74 -13.45
C ILE B 298 -4.41 19.48 -14.67
N LYS B 299 -5.71 19.77 -14.67
CA LYS B 299 -6.31 20.51 -15.80
C LYS B 299 -5.67 21.90 -15.92
N ALA B 300 -5.55 22.62 -14.80
CA ALA B 300 -4.88 23.94 -14.81
C ALA B 300 -3.36 23.85 -15.20
N PHE B 301 -2.65 22.79 -14.79
CA PHE B 301 -1.23 22.66 -15.16
C PHE B 301 -1.08 22.56 -16.68
N GLY B 302 -2.09 21.99 -17.34
CA GLY B 302 -2.07 21.93 -18.80
C GLY B 302 -1.69 20.64 -19.49
N SER B 303 -1.35 19.58 -18.72
CA SER B 303 -0.92 18.29 -19.25
C SER B 303 -2.08 17.34 -19.66
N ALA B 304 -3.34 17.67 -19.35
CA ALA B 304 -4.42 16.77 -19.76
C ALA B 304 -4.36 16.58 -21.27
N GLY B 305 -4.67 15.37 -21.73
CA GLY B 305 -4.69 15.06 -23.16
C GLY B 305 -3.36 14.90 -23.86
N HIS B 306 -2.24 15.05 -23.14
CA HIS B 306 -0.96 14.92 -23.80
C HIS B 306 -0.27 13.55 -23.61
N ALA B 307 -0.82 12.65 -22.80
CA ALA B 307 -0.17 11.34 -22.61
C ALA B 307 0.14 10.64 -23.95
N GLY B 308 -0.69 10.86 -24.98
CA GLY B 308 -0.40 10.15 -26.23
C GLY B 308 0.37 10.88 -27.31
N ASP B 309 0.97 12.03 -26.95
CA ASP B 309 1.71 12.86 -27.93
C ASP B 309 3.01 12.27 -28.46
N TYR B 310 3.70 11.45 -27.66
CA TYR B 310 5.00 10.93 -28.07
C TYR B 310 5.27 9.42 -27.74
N LYS B 311 6.21 8.84 -28.49
CA LYS B 311 6.63 7.47 -28.30
C LYS B 311 7.72 7.57 -27.23
N VAL B 312 7.57 6.88 -26.11
CA VAL B 312 8.53 6.94 -25.01
C VAL B 312 9.88 6.23 -25.30
N VAL B 313 10.97 6.94 -25.08
CA VAL B 313 12.31 6.44 -25.28
C VAL B 313 12.77 5.74 -23.98
N SER B 314 13.20 4.47 -24.09
CA SER B 314 13.62 3.69 -22.92
C SER B 314 14.95 4.20 -22.35
N LEU B 315 15.25 3.79 -21.12
CA LEU B 315 16.52 4.19 -20.50
C LEU B 315 17.70 3.74 -21.34
N GLU B 316 17.62 2.52 -21.86
CA GLU B 316 18.70 2.00 -22.69
C GLU B 316 18.91 2.86 -23.93
N GLU B 317 17.83 3.30 -24.57
CA GLU B 317 17.93 4.12 -25.80
C GLU B 317 18.39 5.51 -25.41
N ALA B 318 17.98 5.94 -24.22
CA ALA B 318 18.33 7.27 -23.70
C ALA B 318 19.84 7.46 -23.49
N LYS B 319 20.56 6.37 -23.31
CA LYS B 319 21.98 6.47 -23.12
C LYS B 319 22.62 7.17 -24.29
N ALA B 320 22.05 7.01 -25.47
CA ALA B 320 22.63 7.64 -26.66
C ALA B 320 22.58 9.16 -26.65
N TRP B 321 21.70 9.75 -25.84
CA TRP B 321 21.60 11.21 -25.80
C TRP B 321 22.81 11.87 -25.19
N TYR B 322 23.47 11.09 -24.35
CA TYR B 322 24.58 11.60 -23.59
C TYR B 322 25.92 11.08 -24.07
N LYS B 323 25.93 10.52 -25.27
CA LYS B 323 27.17 10.02 -25.89
C LYS B 323 27.38 10.70 -27.26
#